data_6PQG
#
_entry.id   6PQG
#
_entity_poly.entity_id   1
_entity_poly.type   'polypeptide(L)'
_entity_poly.pdbx_seq_one_letter_code
;ACG(DBB)GDGCAK(DBB)CAASCAAS
;
_entity_poly.pdbx_strand_id   A
#
# COMPACT_ATOMS: atom_id res chain seq x y z
N ALA A 1 0.80 7.03 -1.95
CA ALA A 1 2.22 7.00 -1.65
C ALA A 1 2.78 5.57 -1.71
N CYS A 2 2.49 4.89 -2.82
CA CYS A 2 2.95 3.52 -3.00
C CYS A 2 3.02 3.17 -4.48
N GLY A 3 4.18 2.69 -4.92
CA GLY A 3 4.35 2.32 -6.31
C GLY A 3 3.41 1.21 -6.74
N DBB A 4 2.86 0.51 -5.77
CA DBB A 4 1.95 -0.57 -6.10
C DBB A 4 2.54 -1.61 -7.07
O DBB A 4 1.84 -2.03 -7.99
CB DBB A 4 1.47 -1.24 -4.78
CG DBB A 4 0.36 -2.22 -5.08
H DBB A 4 3.06 0.71 -4.82
HA DBB A 4 1.08 -0.14 -6.57
HB2 DBB A 4 1.05 -0.44 -4.21
HG1 DBB A 4 -0.54 -1.67 -5.35
HG2 DBB A 4 0.16 -2.82 -4.20
HG3 DBB A 4 0.64 -2.85 -5.90
N GLY A 5 3.81 -1.98 -6.91
CA GLY A 5 4.44 -2.90 -7.83
C GLY A 5 4.30 -4.34 -7.38
N ASP A 6 5.28 -5.16 -7.74
CA ASP A 6 5.26 -6.58 -7.37
C ASP A 6 5.63 -6.77 -5.90
N GLY A 7 4.83 -7.54 -5.18
CA GLY A 7 5.10 -7.78 -3.77
C GLY A 7 4.76 -6.59 -2.90
N CYS A 8 4.06 -5.62 -3.48
CA CYS A 8 3.67 -4.42 -2.76
C CYS A 8 2.93 -4.77 -1.48
N ALA A 9 2.70 -3.77 -0.63
CA ALA A 9 2.01 -3.97 0.63
C ALA A 9 0.52 -3.62 0.50
N LYS A 10 -0.33 -4.39 1.18
CA LYS A 10 -1.76 -4.15 1.14
C LYS A 10 -2.25 -3.56 2.46
N DBB A 11 -3.34 -2.82 2.40
CA DBB A 11 -3.86 -2.22 3.62
C DBB A 11 -3.08 -0.97 4.07
O DBB A 11 -2.46 -0.33 3.23
CB DBB A 11 -5.36 -1.91 3.41
CG DBB A 11 -5.98 -1.49 4.73
H DBB A 11 -3.79 -2.67 1.55
HA DBB A 11 -3.79 -2.95 4.40
HB2 DBB A 11 -5.80 -2.85 3.13
HG1 DBB A 11 -5.69 -2.19 5.49
HG2 DBB A 11 -7.06 -1.51 4.63
HG3 DBB A 11 -5.65 -0.50 4.98
N CYS A 12 -3.16 -0.61 5.35
CA CYS A 12 -2.50 0.60 5.85
C CYS A 12 -0.97 0.45 5.76
N ALA A 13 -0.42 0.85 4.62
CA ALA A 13 1.02 0.77 4.41
C ALA A 13 1.41 1.32 3.05
N ALA A 14 0.56 1.11 2.06
CA ALA A 14 0.77 1.57 0.70
C ALA A 14 -0.64 1.52 -0.05
N SER A 15 -1.14 0.32 -0.28
CA SER A 15 -2.41 0.13 -0.97
C SER A 15 -3.50 0.99 -0.34
N CYS A 16 -3.54 1.00 0.99
CA CYS A 16 -4.53 1.77 1.72
C CYS A 16 -3.88 2.80 2.62
N ALA A 17 -4.63 3.84 2.98
CA ALA A 17 -4.11 4.89 3.85
C ALA A 17 -4.45 4.62 5.31
N ALA A 18 -5.26 3.60 5.54
CA ALA A 18 -5.67 3.21 6.88
C ALA A 18 -6.76 4.26 7.38
N SER A 19 -6.31 5.50 7.60
CA SER A 19 -7.19 6.56 8.08
C SER A 19 -8.28 6.86 7.07
N ALA A 1 5.77 6.99 -0.76
CA ALA A 1 5.04 6.45 -1.90
C ALA A 1 5.28 4.96 -2.05
N CYS A 2 4.20 4.18 -1.98
CA CYS A 2 4.29 2.73 -2.11
C CYS A 2 4.53 2.33 -3.57
N GLY A 3 3.77 2.94 -4.47
CA GLY A 3 3.92 2.64 -5.89
C GLY A 3 2.93 1.58 -6.35
N DBB A 4 2.44 0.79 -5.43
CA DBB A 4 1.49 -0.25 -5.81
C DBB A 4 2.02 -1.20 -6.90
O DBB A 4 1.26 -1.50 -7.82
CB DBB A 4 1.10 -1.04 -4.54
CG DBB A 4 -0.04 -1.98 -4.85
H DBB A 4 2.72 0.89 -4.48
HA DBB A 4 0.61 0.23 -6.16
HB2 DBB A 4 0.72 -0.30 -3.85
HG1 DBB A 4 -0.93 -1.40 -5.05
HG2 DBB A 4 -0.23 -2.63 -4.00
HG3 DBB A 4 0.20 -2.57 -5.71
N GLY A 5 3.29 -1.60 -6.85
CA GLY A 5 3.85 -2.44 -7.89
C GLY A 5 3.73 -3.91 -7.57
N ASP A 6 4.71 -4.69 -8.02
CA ASP A 6 4.71 -6.13 -7.78
C ASP A 6 5.14 -6.44 -6.35
N GLY A 7 4.41 -7.32 -5.69
CA GLY A 7 4.73 -7.68 -4.32
C GLY A 7 4.43 -6.58 -3.34
N CYS A 8 3.71 -5.55 -3.79
CA CYS A 8 3.35 -4.42 -2.94
C CYS A 8 2.63 -4.89 -1.68
N ALA A 9 2.40 -3.97 -0.77
CA ALA A 9 1.72 -4.28 0.48
C ALA A 9 0.24 -3.96 0.41
N LYS A 10 -0.49 -4.28 1.47
CA LYS A 10 -1.93 -4.02 1.52
C LYS A 10 -2.33 -3.40 2.84
N DBB A 11 -3.46 -2.73 2.86
CA DBB A 11 -3.90 -2.10 4.10
C DBB A 11 -3.20 -0.76 4.40
O DBB A 11 -2.70 -0.14 3.46
CB DBB A 11 -5.44 -1.93 4.03
CG DBB A 11 -5.96 -1.50 5.39
H DBB A 11 -4.00 -2.65 2.04
HA DBB A 11 -3.69 -2.77 4.90
HB2 DBB A 11 -5.83 -2.93 3.86
HG1 DBB A 11 -5.48 -2.08 6.16
HG2 DBB A 11 -7.03 -1.64 5.43
HG3 DBB A 11 -5.73 -0.45 5.54
N CYS A 12 -3.21 -0.30 5.64
CA CYS A 12 -2.63 0.98 5.99
C CYS A 12 -1.11 0.91 5.93
N ALA A 13 -0.55 1.16 4.75
CA ALA A 13 0.89 1.13 4.56
C ALA A 13 1.26 1.50 3.12
N ALA A 14 0.42 1.10 2.18
CA ALA A 14 0.62 1.36 0.76
C ALA A 14 -0.81 1.38 0.08
N SER A 15 -1.44 0.22 -0.02
CA SER A 15 -2.75 0.10 -0.64
C SER A 15 -3.75 1.04 0.01
N CYS A 16 -4.07 0.78 1.27
CA CYS A 16 -5.02 1.59 2.01
C CYS A 16 -4.31 2.71 2.76
N ALA A 17 -5.01 3.83 2.98
CA ALA A 17 -4.44 4.96 3.69
C ALA A 17 -4.70 4.87 5.19
N ALA A 18 -5.53 3.91 5.57
CA ALA A 18 -5.89 3.67 6.96
C ALA A 18 -6.91 4.82 7.38
N SER A 19 -6.43 6.05 7.43
CA SER A 19 -7.26 7.19 7.83
C SER A 19 -7.87 6.95 9.21
N ALA A 1 5.07 5.44 0.03
CA ALA A 1 4.96 5.25 -1.41
C ALA A 1 5.03 3.77 -1.77
N CYS A 2 3.91 3.24 -2.26
CA CYS A 2 3.84 1.83 -2.64
C CYS A 2 3.73 1.69 -4.16
N GLY A 3 4.63 0.91 -4.74
CA GLY A 3 4.61 0.70 -6.18
C GLY A 3 3.27 0.22 -6.68
N DBB A 4 2.51 -0.43 -5.82
CA DBB A 4 1.21 -0.93 -6.23
C DBB A 4 1.26 -1.79 -7.50
O DBB A 4 0.47 -1.53 -8.41
CB DBB A 4 0.59 -1.69 -5.03
CG DBB A 4 -0.85 -2.04 -5.35
H DBB A 4 2.84 -0.59 -4.89
HA DBB A 4 0.59 -0.08 -6.41
HB2 DBB A 4 0.58 -1.00 -4.23
HG1 DBB A 4 -1.48 -1.73 -4.53
HG2 DBB A 4 -0.96 -3.10 -5.51
HG3 DBB A 4 -1.16 -1.51 -6.25
N GLY A 5 2.17 -2.75 -7.58
CA GLY A 5 2.29 -3.57 -8.78
C GLY A 5 3.19 -4.77 -8.58
N ASP A 6 4.24 -4.59 -7.79
CA ASP A 6 5.20 -5.66 -7.52
C ASP A 6 6.08 -5.32 -6.33
N GLY A 7 5.47 -5.33 -5.14
CA GLY A 7 6.23 -5.02 -3.93
C GLY A 7 5.48 -4.06 -3.03
N CYS A 8 4.17 -4.23 -2.93
CA CYS A 8 3.35 -3.37 -2.09
C CYS A 8 2.54 -4.20 -1.09
N ALA A 9 2.23 -3.59 0.05
CA ALA A 9 1.47 -4.27 1.10
C ALA A 9 -0.02 -3.92 0.99
N LYS A 10 -0.81 -4.44 1.93
CA LYS A 10 -2.24 -4.19 1.95
C LYS A 10 -2.65 -3.45 3.22
N DBB A 11 -3.75 -2.74 3.15
CA DBB A 11 -4.21 -2.01 4.32
C DBB A 11 -3.47 -0.67 4.53
O DBB A 11 -2.92 -0.14 3.56
CB DBB A 11 -5.73 -1.81 4.22
CG DBB A 11 -6.26 -1.24 5.52
H DBB A 11 -4.27 -2.70 2.31
HA DBB A 11 -4.02 -2.62 5.18
HB2 DBB A 11 -6.14 -2.79 4.11
HG1 DBB A 11 -7.33 -1.43 5.57
HG2 DBB A 11 -6.08 -0.18 5.56
HG3 DBB A 11 -5.77 -1.73 6.35
N CYS A 12 -3.50 -0.12 5.73
CA CYS A 12 -2.87 1.18 6.00
C CYS A 12 -1.36 1.07 5.99
N ALA A 13 -0.77 1.20 4.80
CA ALA A 13 0.67 1.12 4.65
C ALA A 13 1.09 1.35 3.20
N ALA A 14 0.25 0.91 2.28
CA ALA A 14 0.50 1.05 0.85
C ALA A 14 -0.92 1.05 0.12
N SER A 15 -1.58 -0.09 0.11
CA SER A 15 -2.87 -0.23 -0.54
C SER A 15 -3.88 0.79 0.01
N CYS A 16 -4.21 0.63 1.28
CA CYS A 16 -5.16 1.54 1.94
C CYS A 16 -4.42 2.70 2.61
N ALA A 17 -5.10 3.83 2.72
CA ALA A 17 -4.52 5.01 3.35
C ALA A 17 -4.83 5.04 4.85
N ALA A 18 -5.68 4.14 5.28
CA ALA A 18 -6.09 4.03 6.68
C ALA A 18 -7.08 5.24 6.99
N SER A 19 -6.56 6.46 6.93
CA SER A 19 -7.35 7.65 7.23
C SER A 19 -6.94 8.81 6.32
N ALA A 1 4.25 7.81 -0.81
CA ALA A 1 3.30 7.07 -1.64
C ALA A 1 3.83 5.67 -1.95
N CYS A 2 2.91 4.73 -2.15
CA CYS A 2 3.28 3.35 -2.45
C CYS A 2 3.57 3.18 -3.95
N GLY A 3 4.78 2.71 -4.26
CA GLY A 3 5.14 2.50 -5.65
C GLY A 3 4.25 1.51 -6.35
N DBB A 4 3.52 0.74 -5.57
CA DBB A 4 2.64 -0.25 -6.17
C DBB A 4 3.39 -1.34 -6.97
O DBB A 4 2.95 -1.67 -8.07
CB DBB A 4 1.77 -0.88 -5.06
CG DBB A 4 0.69 -1.75 -5.68
H DBB A 4 3.56 0.83 -4.60
HA DBB A 4 1.98 0.25 -6.84
HB2 DBB A 4 1.28 -0.05 -4.60
HG1 DBB A 4 -0.24 -1.56 -5.18
HG2 DBB A 4 0.96 -2.79 -5.56
HG3 DBB A 4 0.60 -1.52 -6.73
N GLY A 5 4.50 -1.85 -6.46
CA GLY A 5 5.28 -2.83 -7.19
C GLY A 5 4.60 -4.19 -7.24
N ASP A 6 5.31 -5.18 -7.78
CA ASP A 6 4.76 -6.53 -7.88
C ASP A 6 4.72 -7.20 -6.51
N GLY A 7 5.32 -6.55 -5.53
CA GLY A 7 5.34 -7.10 -4.18
C GLY A 7 4.73 -6.17 -3.16
N CYS A 8 4.01 -5.16 -3.63
CA CYS A 8 3.38 -4.19 -2.76
C CYS A 8 2.54 -4.88 -1.69
N ALA A 9 2.24 -4.17 -0.61
CA ALA A 9 1.44 -4.71 0.48
C ALA A 9 -0.03 -4.34 0.33
N LYS A 10 -0.80 -4.59 1.37
CA LYS A 10 -2.23 -4.29 1.34
C LYS A 10 -2.67 -3.64 2.66
N DBB A 11 -3.76 -2.89 2.60
CA DBB A 11 -4.23 -2.25 3.81
C DBB A 11 -3.43 -0.99 4.20
O DBB A 11 -2.81 -0.39 3.32
CB DBB A 11 -5.73 -1.92 3.63
CG DBB A 11 -6.31 -1.44 4.95
H DBB A 11 -4.22 -2.77 1.75
HA DBB A 11 -4.16 -2.96 4.62
HB2 DBB A 11 -6.20 -2.86 3.39
HG1 DBB A 11 -5.98 -0.43 5.14
HG2 DBB A 11 -5.98 -2.08 5.75
HG3 DBB A 11 -7.39 -1.46 4.89
N CYS A 12 -3.45 -0.59 5.47
CA CYS A 12 -2.75 0.61 5.91
C CYS A 12 -1.24 0.42 5.81
N ALA A 13 -0.69 0.70 4.64
CA ALA A 13 0.74 0.58 4.42
C ALA A 13 1.14 1.09 3.03
N ALA A 14 0.28 0.88 2.07
CA ALA A 14 0.49 1.31 0.70
C ALA A 14 -0.92 1.28 -0.05
N SER A 15 -1.48 0.08 -0.20
CA SER A 15 -2.76 -0.08 -0.88
C SER A 15 -3.82 0.83 -0.28
N CYS A 16 -3.89 0.84 1.04
CA CYS A 16 -4.86 1.67 1.75
C CYS A 16 -4.16 2.74 2.58
N ALA A 17 -4.92 3.75 2.98
CA ALA A 17 -4.37 4.84 3.79
C ALA A 17 -4.68 4.64 5.26
N ALA A 18 -5.50 3.65 5.56
CA ALA A 18 -5.89 3.32 6.92
C ALA A 18 -6.94 4.41 7.40
N SER A 19 -6.46 5.64 7.56
CA SER A 19 -7.30 6.74 8.03
C SER A 19 -8.58 6.85 7.17
N ALA A 1 0.26 6.87 -1.30
CA ALA A 1 1.60 7.10 -1.81
C ALA A 1 2.37 5.80 -1.95
N CYS A 2 1.75 4.81 -2.57
CA CYS A 2 2.38 3.51 -2.76
C CYS A 2 2.46 3.16 -4.25
N GLY A 3 3.63 2.69 -4.68
CA GLY A 3 3.81 2.33 -6.07
C GLY A 3 2.96 1.14 -6.48
N DBB A 4 2.45 0.43 -5.50
CA DBB A 4 1.64 -0.73 -5.82
C DBB A 4 2.33 -1.75 -6.75
O DBB A 4 1.69 -2.23 -7.68
CB DBB A 4 1.20 -1.40 -4.50
CG DBB A 4 0.16 -2.48 -4.78
H DBB A 4 2.63 0.66 -4.56
HA DBB A 4 0.75 -0.38 -6.31
HB2 DBB A 4 0.71 -0.62 -3.94
HG1 DBB A 4 -0.75 -2.01 -5.12
HG2 DBB A 4 -0.03 -3.04 -3.88
HG3 DBB A 4 0.54 -3.13 -5.55
N GLY A 5 3.62 -2.02 -6.55
CA GLY A 5 4.34 -2.92 -7.43
C GLY A 5 4.32 -4.35 -6.94
N ASP A 6 5.40 -5.07 -7.21
CA ASP A 6 5.51 -6.47 -6.79
C ASP A 6 5.85 -6.57 -5.30
N GLY A 7 5.13 -7.41 -4.59
CA GLY A 7 5.38 -7.58 -3.17
C GLY A 7 4.84 -6.42 -2.34
N CYS A 8 4.13 -5.50 -3.00
CA CYS A 8 3.55 -4.35 -2.32
C CYS A 8 2.74 -4.78 -1.10
N ALA A 9 2.40 -3.82 -0.26
CA ALA A 9 1.62 -4.09 0.94
C ALA A 9 0.17 -3.66 0.76
N LYS A 10 -0.75 -4.41 1.35
CA LYS A 10 -2.17 -4.11 1.25
C LYS A 10 -2.69 -3.51 2.55
N DBB A 11 -3.80 -2.80 2.47
CA DBB A 11 -4.35 -2.19 3.67
C DBB A 11 -3.51 -1.03 4.21
O DBB A 11 -2.85 -0.37 3.42
CB DBB A 11 -5.80 -1.77 3.38
CG DBB A 11 -6.48 -1.33 4.66
H DBB A 11 -4.24 -2.68 1.60
HA DBB A 11 -4.39 -2.96 4.42
HB2 DBB A 11 -6.29 -2.65 3.04
HG1 DBB A 11 -6.38 -2.12 5.39
HG2 DBB A 11 -7.53 -1.15 4.48
HG3 DBB A 11 -6.01 -0.43 5.03
N CYS A 12 -3.57 -0.75 5.52
CA CYS A 12 -2.84 0.37 6.09
C CYS A 12 -1.34 0.14 6.01
N ALA A 13 -0.75 0.49 4.87
CA ALA A 13 0.68 0.33 4.67
C ALA A 13 1.13 0.98 3.37
N ALA A 14 0.29 0.89 2.35
CA ALA A 14 0.56 1.46 1.04
C ALA A 14 -0.80 1.45 0.22
N SER A 15 -1.25 0.26 -0.16
CA SER A 15 -2.48 0.11 -0.93
C SER A 15 -3.59 1.01 -0.37
N CYS A 16 -3.68 1.06 0.96
CA CYS A 16 -4.69 1.87 1.62
C CYS A 16 -4.04 2.97 2.46
N ALA A 17 -4.60 4.17 2.38
CA ALA A 17 -4.08 5.31 3.13
C ALA A 17 -3.96 4.97 4.61
N ALA A 18 -4.77 4.03 5.06
CA ALA A 18 -4.78 3.59 6.45
C ALA A 18 -5.53 4.71 7.30
N SER A 19 -4.97 5.91 7.31
CA SER A 19 -5.55 7.02 8.07
C SER A 19 -6.90 7.44 7.48
N ALA A 1 1.07 6.61 -0.22
CA ALA A 1 1.61 6.76 -1.57
C ALA A 1 2.39 5.52 -1.99
N CYS A 2 1.67 4.50 -2.44
CA CYS A 2 2.29 3.25 -2.88
C CYS A 2 2.03 3.01 -4.36
N GLY A 3 3.07 2.60 -5.08
CA GLY A 3 2.93 2.34 -6.50
C GLY A 3 2.15 1.06 -6.78
N DBB A 4 1.97 0.26 -5.76
CA DBB A 4 1.25 -0.99 -5.94
C DBB A 4 1.97 -1.99 -6.85
O DBB A 4 1.31 -2.62 -7.68
CB DBB A 4 0.94 -1.59 -4.56
CG DBB A 4 -0.01 -2.76 -4.71
H DBB A 4 2.33 0.50 -4.87
HA DBB A 4 0.30 -0.74 -6.41
HB2 DBB A 4 0.41 -0.83 -4.03
HG1 DBB A 4 -1.00 -2.39 -4.93
HG2 DBB A 4 -0.04 -3.33 -3.79
HG3 DBB A 4 0.32 -3.40 -5.52
N GLY A 5 3.29 -2.11 -6.75
CA GLY A 5 4.02 -3.01 -7.62
C GLY A 5 4.24 -4.37 -7.00
N ASP A 6 5.42 -4.95 -7.24
CA ASP A 6 5.74 -6.27 -6.70
C ASP A 6 6.09 -6.17 -5.22
N GLY A 7 5.65 -7.16 -4.45
CA GLY A 7 5.92 -7.18 -3.02
C GLY A 7 5.31 -5.99 -2.30
N CYS A 8 4.35 -5.33 -2.96
CA CYS A 8 3.68 -4.18 -2.37
C CYS A 8 2.84 -4.58 -1.17
N ALA A 9 2.63 -3.64 -0.25
CA ALA A 9 1.85 -3.91 0.94
C ALA A 9 0.39 -3.50 0.73
N LYS A 10 -0.53 -4.30 1.27
CA LYS A 10 -1.96 -4.03 1.14
C LYS A 10 -2.52 -3.48 2.45
N DBB A 11 -3.62 -2.77 2.35
CA DBB A 11 -4.23 -2.21 3.56
C DBB A 11 -3.41 -1.06 4.17
O DBB A 11 -2.72 -0.38 3.43
CB DBB A 11 -5.67 -1.78 3.23
CG DBB A 11 -6.40 -1.39 4.51
H DBB A 11 -4.05 -2.63 1.47
HA DBB A 11 -4.29 -3.01 4.28
HB2 DBB A 11 -6.15 -2.66 2.84
HG1 DBB A 11 -6.32 -2.21 5.20
HG2 DBB A 11 -7.43 -1.20 4.28
HG3 DBB A 11 -5.93 -0.52 4.93
N CYS A 12 -3.53 -0.83 5.48
CA CYS A 12 -2.84 0.28 6.12
C CYS A 12 -1.32 0.06 6.10
N ALA A 13 -0.68 0.43 4.99
CA ALA A 13 0.76 0.27 4.85
C ALA A 13 1.26 0.97 3.60
N ALA A 14 0.47 0.91 2.54
CA ALA A 14 0.80 1.52 1.26
C ALA A 14 -0.53 1.55 0.39
N SER A 15 -0.97 0.38 -0.04
CA SER A 15 -2.16 0.27 -0.88
C SER A 15 -3.28 1.14 -0.33
N CYS A 16 -3.46 1.12 0.98
CA CYS A 16 -4.50 1.90 1.63
C CYS A 16 -3.89 2.99 2.53
N ALA A 17 -4.45 4.18 2.47
CA ALA A 17 -3.96 5.30 3.27
C ALA A 17 -3.92 4.93 4.76
N ALA A 18 -4.72 3.95 5.14
CA ALA A 18 -4.80 3.47 6.50
C ALA A 18 -5.63 4.55 7.34
N SER A 19 -5.10 5.76 7.41
CA SER A 19 -5.74 6.83 8.17
C SER A 19 -6.96 7.38 7.43
N ALA A 1 5.49 6.18 -2.38
CA ALA A 1 4.95 5.27 -3.39
C ALA A 1 5.21 3.82 -3.02
N CYS A 2 4.15 3.09 -2.68
CA CYS A 2 4.27 1.69 -2.31
C CYS A 2 4.38 0.80 -3.54
N GLY A 3 3.95 1.33 -4.68
CA GLY A 3 4.01 0.57 -5.91
C GLY A 3 2.68 -0.04 -6.29
N DBB A 4 2.10 -0.78 -5.36
CA DBB A 4 0.82 -1.41 -5.65
C DBB A 4 0.82 -2.22 -6.96
O DBB A 4 -0.08 -2.03 -7.77
CB DBB A 4 0.43 -2.29 -4.44
CG DBB A 4 -1.00 -2.78 -4.61
H DBB A 4 2.53 -0.90 -4.48
HA DBB A 4 0.09 -0.64 -5.74
HB2 DBB A 4 0.43 -1.62 -3.60
HG1 DBB A 4 -1.67 -1.94 -4.60
HG2 DBB A 4 -1.25 -3.45 -3.80
HG3 DBB A 4 -1.08 -3.30 -5.55
N GLY A 5 1.81 -3.08 -7.18
CA GLY A 5 1.89 -3.83 -8.42
C GLY A 5 2.85 -5.00 -8.34
N ASP A 6 3.95 -4.80 -7.62
CA ASP A 6 4.96 -5.85 -7.46
C ASP A 6 5.84 -5.57 -6.25
N GLY A 7 5.50 -6.18 -5.12
CA GLY A 7 6.26 -5.99 -3.90
C GLY A 7 5.73 -4.86 -3.04
N CYS A 8 4.41 -4.83 -2.88
CA CYS A 8 3.77 -3.78 -2.08
C CYS A 8 3.01 -4.39 -0.90
N ALA A 9 2.63 -3.53 0.04
CA ALA A 9 1.89 -3.99 1.22
C ALA A 9 0.39 -3.75 1.06
N LYS A 10 -0.36 -4.03 2.12
CA LYS A 10 -1.80 -3.84 2.09
C LYS A 10 -2.30 -3.20 3.39
N DBB A 11 -3.48 -2.60 3.33
CA DBB A 11 -4.01 -1.96 4.53
C DBB A 11 -3.37 -0.59 4.82
O DBB A 11 -2.87 0.04 3.89
CB DBB A 11 -5.54 -1.87 4.38
CG DBB A 11 -6.15 -1.40 5.69
H DBB A 11 -3.99 -2.59 2.50
HA DBB A 11 -3.80 -2.61 5.36
HB2 DBB A 11 -5.87 -2.88 4.22
HG1 DBB A 11 -7.20 -1.65 5.70
HG2 DBB A 11 -6.03 -0.33 5.79
HG3 DBB A 11 -5.66 -1.91 6.52
N CYS A 12 -3.46 -0.10 6.05
CA CYS A 12 -2.93 1.22 6.39
C CYS A 12 -1.41 1.20 6.44
N ALA A 13 -0.78 1.33 5.28
CA ALA A 13 0.67 1.34 5.19
C ALA A 13 1.13 1.66 3.76
N ALA A 14 0.38 1.19 2.79
CA ALA A 14 0.67 1.41 1.39
C ALA A 14 -0.71 1.43 0.60
N SER A 15 -1.34 0.25 0.48
CA SER A 15 -2.60 0.14 -0.23
C SER A 15 -3.65 1.08 0.35
N CYS A 16 -4.14 0.76 1.54
CA CYS A 16 -5.14 1.58 2.20
C CYS A 16 -4.48 2.76 2.93
N ALA A 17 -5.26 3.82 3.13
CA ALA A 17 -4.77 5.01 3.82
C ALA A 17 -5.12 4.97 5.30
N ALA A 18 -5.93 4.01 5.69
CA ALA A 18 -6.36 3.83 7.06
C ALA A 18 -7.44 4.96 7.38
N SER A 19 -6.98 6.21 7.39
CA SER A 19 -7.85 7.34 7.69
C SER A 19 -7.51 8.54 6.82
N ALA A 1 0.69 6.48 -3.57
CA ALA A 1 1.98 6.83 -3.00
C ALA A 1 2.84 5.59 -2.81
N CYS A 2 2.20 4.44 -2.67
CA CYS A 2 2.90 3.17 -2.47
C CYS A 2 3.39 2.62 -3.81
N GLY A 3 2.69 2.98 -4.88
CA GLY A 3 3.06 2.50 -6.21
C GLY A 3 2.34 1.23 -6.59
N DBB A 4 1.94 0.46 -5.60
CA DBB A 4 1.24 -0.77 -5.89
C DBB A 4 2.00 -1.70 -6.86
O DBB A 4 1.37 -2.25 -7.77
CB DBB A 4 0.92 -1.49 -4.56
CG DBB A 4 0.01 -2.68 -4.82
H DBB A 4 2.10 0.72 -4.66
HA DBB A 4 0.30 -0.53 -6.35
HB2 DBB A 4 0.38 -0.78 -3.99
HG1 DBB A 4 -0.97 -2.31 -5.09
HG2 DBB A 4 -0.07 -3.27 -3.92
HG3 DBB A 4 0.41 -3.27 -5.62
N GLY A 5 3.32 -1.83 -6.72
CA GLY A 5 4.09 -2.63 -7.64
C GLY A 5 4.38 -4.03 -7.09
N ASP A 6 5.59 -4.51 -7.32
CA ASP A 6 5.99 -5.84 -6.85
C ASP A 6 6.33 -5.81 -5.37
N GLY A 7 5.88 -6.82 -4.64
CA GLY A 7 6.16 -6.89 -3.22
C GLY A 7 5.39 -5.84 -2.42
N CYS A 8 4.44 -5.20 -3.08
CA CYS A 8 3.63 -4.16 -2.44
C CYS A 8 2.76 -4.76 -1.34
N ALA A 9 2.26 -3.90 -0.46
CA ALA A 9 1.39 -4.35 0.64
C ALA A 9 -0.05 -3.98 0.38
N LYS A 10 -0.94 -4.37 1.28
CA LYS A 10 -2.36 -4.08 1.16
C LYS A 10 -2.91 -3.49 2.45
N DBB A 11 -3.96 -2.70 2.33
CA DBB A 11 -4.54 -2.10 3.53
C DBB A 11 -3.66 -0.99 4.14
O DBB A 11 -2.88 -0.38 3.40
CB DBB A 11 -5.95 -1.58 3.17
CG DBB A 11 -6.66 -1.14 4.44
H DBB A 11 -4.35 -2.52 1.45
HA DBB A 11 -4.66 -2.87 4.25
HB2 DBB A 11 -6.48 -2.42 2.79
HG1 DBB A 11 -7.72 -1.03 4.22
HG2 DBB A 11 -6.25 -0.20 4.77
HG3 DBB A 11 -6.52 -1.88 5.21
N CYS A 12 -3.82 -0.69 5.43
CA CYS A 12 -3.06 0.38 6.07
C CYS A 12 -1.57 0.06 6.08
N ALA A 13 -0.88 0.41 5.00
CA ALA A 13 0.54 0.17 4.88
C ALA A 13 1.11 0.79 3.61
N ALA A 14 0.33 0.75 2.55
CA ALA A 14 0.72 1.31 1.26
C ALA A 14 -0.60 1.40 0.37
N SER A 15 -1.10 0.26 -0.06
CA SER A 15 -2.29 0.20 -0.91
C SER A 15 -3.37 1.14 -0.40
N CYS A 16 -3.55 1.16 0.93
CA CYS A 16 -4.54 2.02 1.56
C CYS A 16 -3.88 3.06 2.44
N ALA A 17 -4.34 4.31 2.32
CA ALA A 17 -3.79 5.41 3.11
C ALA A 17 -3.77 5.05 4.60
N ALA A 18 -4.68 4.17 5.00
CA ALA A 18 -4.79 3.74 6.37
C ALA A 18 -5.49 4.90 7.21
N SER A 19 -4.84 6.06 7.25
CA SER A 19 -5.37 7.20 7.99
C SER A 19 -5.83 8.30 7.04
N ALA A 1 6.36 5.77 -0.28
CA ALA A 1 5.14 5.39 -0.99
C ALA A 1 5.22 3.94 -1.47
N CYS A 2 4.08 3.38 -1.83
CA CYS A 2 4.01 2.01 -2.30
C CYS A 2 3.83 1.96 -3.82
N GLY A 3 4.72 1.24 -4.49
CA GLY A 3 4.64 1.13 -5.94
C GLY A 3 3.29 0.61 -6.42
N DBB A 4 2.64 -0.16 -5.57
CA DBB A 4 1.34 -0.69 -5.96
C DBB A 4 1.35 -1.42 -7.31
O DBB A 4 0.49 -1.14 -8.14
CB DBB A 4 0.84 -1.61 -4.82
CG DBB A 4 -0.60 -2.01 -5.09
H DBB A 4 3.01 -0.37 -4.69
HA DBB A 4 0.66 0.12 -6.03
HB2 DBB A 4 0.84 -1.00 -3.95
HG1 DBB A 4 -1.18 -1.84 -4.20
HG2 DBB A 4 -0.65 -3.06 -5.36
HG3 DBB A 4 -1.00 -1.42 -5.90
N GLY A 5 2.33 -2.30 -7.55
CA GLY A 5 2.42 -2.97 -8.83
C GLY A 5 3.31 -4.20 -8.79
N ASP A 6 4.39 -4.11 -8.02
CA ASP A 6 5.33 -5.21 -7.89
C ASP A 6 6.23 -5.03 -6.67
N GLY A 7 5.74 -5.45 -5.51
CA GLY A 7 6.51 -5.33 -4.28
C GLY A 7 5.89 -4.34 -3.31
N CYS A 8 4.57 -4.38 -3.18
CA CYS A 8 3.86 -3.48 -2.29
C CYS A 8 3.03 -4.26 -1.27
N ALA A 9 2.61 -3.58 -0.20
CA ALA A 9 1.82 -4.21 0.84
C ALA A 9 0.34 -3.92 0.64
N LYS A 10 -0.47 -4.25 1.65
CA LYS A 10 -1.91 -4.02 1.58
C LYS A 10 -2.44 -3.48 2.91
N DBB A 11 -3.64 -2.94 2.88
CA DBB A 11 -4.21 -2.40 4.10
C DBB A 11 -3.58 -1.06 4.53
O DBB A 11 -2.99 -0.39 3.68
CB DBB A 11 -5.73 -2.28 3.91
CG DBB A 11 -6.38 -1.91 5.24
H DBB A 11 -4.14 -2.91 2.04
HA DBB A 11 -4.04 -3.11 4.89
HB2 DBB A 11 -6.07 -3.26 3.65
HG1 DBB A 11 -5.93 -2.51 6.02
HG2 DBB A 11 -7.44 -2.13 5.19
HG3 DBB A 11 -6.22 -0.86 5.45
N CYS A 12 -3.73 -0.66 5.78
CA CYS A 12 -3.21 0.62 6.24
C CYS A 12 -1.69 0.60 6.31
N ALA A 13 -1.05 0.85 5.17
CA ALA A 13 0.40 0.88 5.09
C ALA A 13 0.88 1.33 3.72
N ALA A 14 0.13 0.95 2.69
CA ALA A 14 0.44 1.31 1.32
C ALA A 14 -0.93 1.33 0.51
N SER A 15 -1.43 0.15 0.16
CA SER A 15 -2.66 0.03 -0.60
C SER A 15 -3.76 0.92 -0.01
N CYS A 16 -4.33 0.50 1.10
CA CYS A 16 -5.37 1.26 1.77
C CYS A 16 -4.81 2.51 2.43
N ALA A 17 -5.44 3.65 2.16
CA ALA A 17 -5.00 4.92 2.73
C ALA A 17 -4.88 4.83 4.25
N ALA A 18 -5.61 3.89 4.84
CA ALA A 18 -5.61 3.67 6.27
C ALA A 18 -6.47 4.83 6.94
N SER A 19 -6.02 6.08 6.78
CA SER A 19 -6.70 7.22 7.35
C SER A 19 -7.88 7.65 6.48
N ALA A 1 -0.77 6.39 -1.47
CA ALA A 1 0.68 6.58 -1.58
C ALA A 1 1.40 5.23 -1.58
N CYS A 2 1.45 4.60 -2.75
CA CYS A 2 2.11 3.30 -2.89
C CYS A 2 2.37 2.98 -4.36
N GLY A 3 3.63 2.70 -4.68
CA GLY A 3 3.98 2.38 -6.04
C GLY A 3 3.24 1.17 -6.57
N DBB A 4 2.69 0.39 -5.67
CA DBB A 4 1.97 -0.81 -6.10
C DBB A 4 2.87 -1.86 -6.77
O DBB A 4 2.53 -2.32 -7.86
CB DBB A 4 1.22 -1.39 -4.88
CG DBB A 4 0.28 -2.50 -5.34
H DBB A 4 2.76 0.59 -4.71
HA DBB A 4 1.23 -0.49 -6.81
HB2 DBB A 4 0.61 -0.59 -4.51
HG1 DBB A 4 -0.66 -2.37 -4.84
HG2 DBB A 4 0.70 -3.46 -5.07
HG3 DBB A 4 0.15 -2.44 -6.40
N GLY A 5 4.00 -2.21 -6.17
CA GLY A 5 4.91 -3.16 -6.78
C GLY A 5 4.48 -4.59 -6.57
N ASP A 6 5.27 -5.53 -7.07
CA ASP A 6 4.97 -6.95 -6.94
C ASP A 6 5.04 -7.38 -5.48
N GLY A 7 5.64 -6.53 -4.65
CA GLY A 7 5.76 -6.85 -3.23
C GLY A 7 5.04 -5.85 -2.36
N CYS A 8 4.16 -5.06 -2.96
CA CYS A 8 3.40 -4.06 -2.23
C CYS A 8 2.68 -4.69 -1.03
N ALA A 9 2.35 -3.86 -0.04
CA ALA A 9 1.66 -4.34 1.15
C ALA A 9 0.17 -4.04 1.07
N LYS A 10 -0.58 -4.57 2.03
CA LYS A 10 -2.02 -4.35 2.08
C LYS A 10 -2.44 -3.63 3.35
N DBB A 11 -3.59 -2.98 3.31
CA DBB A 11 -4.04 -2.26 4.48
C DBB A 11 -3.23 -0.97 4.77
O DBB A 11 -2.70 -0.39 3.83
CB DBB A 11 -5.54 -1.96 4.32
CG DBB A 11 -6.10 -1.41 5.62
H DBB A 11 -4.12 -2.99 2.49
HA DBB A 11 -3.93 -2.91 5.32
HB2 DBB A 11 -6.01 -2.91 4.16
HG1 DBB A 11 -5.73 -0.41 5.77
HG2 DBB A 11 -5.79 -2.03 6.45
HG3 DBB A 11 -7.17 -1.38 5.57
N CYS A 12 -3.19 -0.52 6.02
CA CYS A 12 -2.50 0.71 6.36
C CYS A 12 -1.00 0.57 6.14
N ALA A 13 -0.55 0.79 4.91
CA ALA A 13 0.86 0.69 4.57
C ALA A 13 1.13 1.19 3.16
N ALA A 14 0.19 0.92 2.26
CA ALA A 14 0.29 1.32 0.87
C ALA A 14 -1.16 1.12 0.21
N SER A 15 -1.56 -0.14 0.06
CA SER A 15 -2.84 -0.45 -0.54
C SER A 15 -3.94 0.43 0.02
N CYS A 16 -3.92 0.64 1.33
CA CYS A 16 -4.93 1.46 1.99
C CYS A 16 -4.28 2.70 2.61
N ALA A 17 -4.95 3.85 2.46
CA ALA A 17 -4.45 5.10 2.99
C ALA A 17 -4.16 4.99 4.48
N ALA A 18 -4.81 4.04 5.13
CA ALA A 18 -4.66 3.79 6.55
C ALA A 18 -5.46 4.94 7.33
N SER A 19 -5.03 6.18 7.13
CA SER A 19 -5.66 7.31 7.81
C SER A 19 -6.23 8.30 6.78
N ALA A 1 5.78 6.51 -0.39
CA ALA A 1 5.95 5.94 -1.73
C ALA A 1 5.70 4.43 -1.70
N CYS A 2 4.60 4.02 -2.31
CA CYS A 2 4.24 2.61 -2.37
C CYS A 2 4.11 2.14 -3.81
N GLY A 3 4.82 1.07 -4.15
CA GLY A 3 4.77 0.53 -5.50
C GLY A 3 3.35 0.23 -5.95
N DBB A 4 2.54 -0.29 -5.05
CA DBB A 4 1.17 -0.60 -5.43
C DBB A 4 1.05 -1.28 -6.80
O DBB A 4 0.24 -0.82 -7.60
CB DBB A 4 0.56 -1.46 -4.31
CG DBB A 4 -0.94 -1.62 -4.55
H DBB A 4 2.87 -0.47 -4.14
HA DBB A 4 0.63 0.32 -5.45
HB2 DBB A 4 0.67 -0.89 -3.40
HG1 DBB A 4 -1.09 -2.02 -5.53
HG2 DBB A 4 -1.42 -0.66 -4.48
HG3 DBB A 4 -1.35 -2.30 -3.82
N GLY A 5 1.84 -2.30 -7.08
CA GLY A 5 1.81 -2.94 -8.39
C GLY A 5 2.47 -4.31 -8.38
N ASP A 6 3.64 -4.40 -7.77
CA ASP A 6 4.37 -5.65 -7.70
C ASP A 6 5.27 -5.68 -6.46
N GLY A 7 4.76 -6.24 -5.37
CA GLY A 7 5.53 -6.32 -4.15
C GLY A 7 5.23 -5.19 -3.19
N CYS A 8 3.95 -4.88 -3.03
CA CYS A 8 3.53 -3.80 -2.14
C CYS A 8 2.66 -4.35 -1.00
N ALA A 9 2.58 -3.58 0.08
CA ALA A 9 1.79 -3.98 1.24
C ALA A 9 0.31 -3.70 1.01
N LYS A 10 -0.54 -4.39 1.78
CA LYS A 10 -1.98 -4.22 1.67
C LYS A 10 -2.56 -3.53 2.90
N DBB A 11 -3.65 -2.82 2.72
CA DBB A 11 -4.26 -2.13 3.85
C DBB A 11 -3.54 -0.82 4.23
O DBB A 11 -2.88 -0.24 3.37
CB DBB A 11 -5.75 -1.89 3.54
CG DBB A 11 -6.45 -1.38 4.78
H DBB A 11 -4.06 -2.76 1.83
HA DBB A 11 -4.20 -2.80 4.69
HB2 DBB A 11 -6.15 -2.86 3.32
HG1 DBB A 11 -6.01 -1.83 5.65
HG2 DBB A 11 -7.49 -1.64 4.74
HG3 DBB A 11 -6.34 -0.31 4.85
N CYS A 12 -3.69 -0.35 5.46
CA CYS A 12 -3.09 0.91 5.88
C CYS A 12 -1.57 0.81 5.87
N ALA A 13 -0.96 1.15 4.73
CA ALA A 13 0.49 1.11 4.59
C ALA A 13 0.91 1.54 3.19
N ALA A 14 0.09 1.22 2.20
CA ALA A 14 0.35 1.57 0.81
C ALA A 14 -1.02 1.37 0.01
N SER A 15 -1.43 0.12 -0.15
CA SER A 15 -2.64 -0.19 -0.89
C SER A 15 -3.81 0.66 -0.39
N CYS A 16 -3.88 0.85 0.93
CA CYS A 16 -4.95 1.65 1.52
C CYS A 16 -4.37 2.80 2.34
N ALA A 17 -5.22 3.76 2.67
CA ALA A 17 -4.80 4.92 3.44
C ALA A 17 -5.18 4.77 4.92
N ALA A 18 -5.96 3.74 5.20
CA ALA A 18 -6.42 3.45 6.55
C ALA A 18 -7.57 4.50 6.90
N SER A 19 -7.19 5.76 7.03
CA SER A 19 -8.13 6.81 7.38
C SER A 19 -8.93 7.26 6.15
N ALA A 1 4.66 5.86 -3.15
CA ALA A 1 5.73 5.53 -2.22
C ALA A 1 5.88 4.02 -2.08
N CYS A 2 4.76 3.32 -2.03
CA CYS A 2 4.75 1.87 -1.90
C CYS A 2 5.02 1.19 -3.24
N GLY A 3 4.67 1.87 -4.32
CA GLY A 3 4.87 1.33 -5.66
C GLY A 3 3.58 0.89 -6.31
N DBB A 4 2.74 0.22 -5.54
CA DBB A 4 1.48 -0.25 -6.10
C DBB A 4 1.65 -1.01 -7.43
O DBB A 4 0.93 -0.70 -8.38
CB DBB A 4 0.77 -1.11 -5.04
CG DBB A 4 -0.64 -1.43 -5.51
H DBB A 4 2.96 0.03 -4.60
HA DBB A 4 0.87 0.61 -6.29
HB2 DBB A 4 0.68 -0.48 -4.18
HG1 DBB A 4 -1.33 -1.24 -4.70
HG2 DBB A 4 -0.69 -2.47 -5.80
HG3 DBB A 4 -0.89 -0.80 -6.35
N GLY A 5 2.60 -1.93 -7.52
CA GLY A 5 2.83 -2.64 -8.77
C GLY A 5 3.84 -3.76 -8.62
N ASP A 6 3.37 -4.92 -8.13
CA ASP A 6 4.24 -6.07 -7.94
C ASP A 6 5.35 -5.76 -6.94
N GLY A 7 4.96 -5.54 -5.68
CA GLY A 7 5.94 -5.23 -4.65
C GLY A 7 5.45 -4.16 -3.69
N CYS A 8 4.16 -4.23 -3.35
CA CYS A 8 3.57 -3.26 -2.44
C CYS A 8 2.71 -3.96 -1.38
N ALA A 9 2.81 -3.50 -0.15
CA ALA A 9 2.04 -4.08 0.95
C ALA A 9 0.55 -3.84 0.76
N LYS A 10 -0.24 -4.26 1.74
CA LYS A 10 -1.69 -4.09 1.69
C LYS A 10 -2.21 -3.46 2.98
N DBB A 11 -3.37 -2.86 2.90
CA DBB A 11 -3.94 -2.23 4.08
C DBB A 11 -3.34 -0.85 4.39
O DBB A 11 -2.82 -0.21 3.47
CB DBB A 11 -5.46 -2.16 3.93
CG DBB A 11 -6.10 -1.72 5.23
H DBB A 11 -3.87 -2.84 2.04
HA DBB A 11 -3.72 -2.87 4.92
HB2 DBB A 11 -5.78 -3.17 3.76
HG1 DBB A 11 -5.91 -0.67 5.37
HG2 DBB A 11 -5.67 -2.27 6.06
HG3 DBB A 11 -7.17 -1.89 5.20
N CYS A 12 -3.44 -0.37 5.63
CA CYS A 12 -2.94 0.96 5.98
C CYS A 12 -1.42 0.97 6.05
N ALA A 13 -0.78 1.19 4.90
CA ALA A 13 0.67 1.24 4.83
C ALA A 13 1.14 1.51 3.41
N ALA A 14 0.40 1.03 2.44
CA ALA A 14 0.71 1.20 1.03
C ALA A 14 -0.67 1.21 0.24
N SER A 15 -1.27 0.04 0.08
CA SER A 15 -2.52 -0.10 -0.65
C SER A 15 -3.58 0.83 -0.08
N CYS A 16 -4.07 0.50 1.11
CA CYS A 16 -5.09 1.30 1.77
C CYS A 16 -4.47 2.48 2.52
N ALA A 17 -5.25 3.54 2.71
CA ALA A 17 -4.76 4.72 3.41
C ALA A 17 -5.15 4.68 4.88
N ALA A 18 -5.96 3.71 5.25
CA ALA A 18 -6.41 3.52 6.61
C ALA A 18 -7.50 4.64 6.91
N SER A 19 -7.07 5.90 6.93
CA SER A 19 -7.96 7.02 7.22
C SER A 19 -9.16 7.00 6.28
N ALA A 1 3.31 6.34 0.41
CA ALA A 1 3.86 6.15 -0.93
C ALA A 1 4.24 4.70 -1.18
N CYS A 2 3.36 3.96 -1.83
CA CYS A 2 3.61 2.55 -2.12
C CYS A 2 3.66 2.31 -3.63
N GLY A 3 2.64 2.80 -4.33
CA GLY A 3 2.58 2.63 -5.78
C GLY A 3 1.75 1.43 -6.18
N DBB A 4 1.71 0.43 -5.33
CA DBB A 4 0.94 -0.76 -5.65
C DBB A 4 1.61 -1.67 -6.70
O DBB A 4 0.92 -2.12 -7.62
CB DBB A 4 0.64 -1.53 -4.35
CG DBB A 4 -0.35 -2.65 -4.62
H DBB A 4 2.21 0.48 -4.48
HA DBB A 4 0.00 -0.44 -6.05
HB2 DBB A 4 0.15 -0.82 -3.71
HG1 DBB A 4 -1.04 -2.70 -3.80
HG2 DBB A 4 0.18 -3.58 -4.72
HG3 DBB A 4 -0.88 -2.43 -5.53
N GLY A 5 2.92 -1.89 -6.61
CA GLY A 5 3.61 -2.69 -7.60
C GLY A 5 3.76 -4.14 -7.17
N ASP A 6 4.91 -4.72 -7.48
CA ASP A 6 5.18 -6.11 -7.12
C ASP A 6 5.54 -6.23 -5.64
N GLY A 7 5.01 -7.27 -4.99
CA GLY A 7 5.28 -7.47 -3.58
C GLY A 7 4.84 -6.31 -2.73
N CYS A 8 3.84 -5.58 -3.20
CA CYS A 8 3.32 -4.42 -2.47
C CYS A 8 2.63 -4.86 -1.17
N ALA A 9 2.40 -3.90 -0.28
CA ALA A 9 1.75 -4.18 0.99
C ALA A 9 0.25 -3.99 0.89
N LYS A 10 -0.44 -4.10 2.02
CA LYS A 10 -1.89 -3.95 2.06
C LYS A 10 -2.30 -3.05 3.23
N DBB A 11 -3.50 -2.51 3.15
CA DBB A 11 -3.97 -1.65 4.22
C DBB A 11 -3.13 -0.36 4.38
O DBB A 11 -2.69 0.17 3.37
CB DBB A 11 -5.46 -1.33 3.97
CG DBB A 11 -6.03 -0.61 5.18
H DBB A 11 -4.08 -2.69 2.37
HA DBB A 11 -3.90 -2.20 5.13
HB2 DBB A 11 -5.94 -2.28 3.91
HG1 DBB A 11 -5.62 0.37 5.23
HG2 DBB A 11 -5.77 -1.17 6.08
HG3 DBB A 11 -7.10 -0.55 5.09
N CYS A 12 -2.98 0.14 5.60
CA CYS A 12 -2.25 1.39 5.82
C CYS A 12 -0.80 1.26 5.37
N ALA A 13 -0.35 0.02 5.20
CA ALA A 13 1.02 -0.25 4.76
C ALA A 13 1.24 0.23 3.33
N ALA A 14 0.21 0.12 2.51
CA ALA A 14 0.25 0.53 1.12
C ALA A 14 -1.17 0.21 0.48
N SER A 15 -1.44 0.78 -0.68
CA SER A 15 -2.72 0.60 -1.35
C SER A 15 -3.81 1.43 -0.70
N CYS A 16 -3.97 1.26 0.62
CA CYS A 16 -4.98 2.00 1.36
C CYS A 16 -4.41 3.30 1.91
N ALA A 17 -5.30 4.24 2.24
CA ALA A 17 -4.88 5.53 2.78
C ALA A 17 -4.55 5.42 4.26
N ALA A 18 -4.88 4.29 4.86
CA ALA A 18 -4.63 4.03 6.26
C ALA A 18 -5.69 4.87 7.11
N SER A 19 -5.57 6.19 7.06
CA SER A 19 -6.45 7.08 7.79
C SER A 19 -6.51 6.68 9.27
N ALA A 1 0.01 6.05 -3.04
CA ALA A 1 1.45 6.26 -3.07
C ALA A 1 2.19 4.93 -2.92
N CYS A 2 1.65 3.88 -3.51
CA CYS A 2 2.26 2.55 -3.43
C CYS A 2 2.49 1.98 -4.82
N GLY A 3 3.62 1.29 -4.99
CA GLY A 3 3.93 0.69 -6.27
C GLY A 3 2.88 -0.30 -6.74
N DBB A 4 2.08 -0.77 -5.81
CA DBB A 4 1.04 -1.72 -6.17
C DBB A 4 1.60 -3.07 -6.69
O DBB A 4 0.91 -3.74 -7.44
CB DBB A 4 0.12 -1.93 -4.96
CG DBB A 4 -1.09 -2.75 -5.38
H DBB A 4 2.18 -0.48 -4.87
HA DBB A 4 0.46 -1.29 -6.95
HB2 DBB A 4 -0.24 -0.95 -4.71
HG1 DBB A 4 -1.99 -2.21 -5.10
HG2 DBB A 4 -1.07 -3.70 -4.87
HG3 DBB A 4 -1.08 -2.90 -6.44
N GLY A 5 2.84 -3.42 -6.33
CA GLY A 5 3.44 -4.64 -6.83
C GLY A 5 4.92 -4.74 -6.53
N ASP A 6 5.40 -5.96 -6.31
CA ASP A 6 6.81 -6.18 -6.00
C ASP A 6 7.26 -5.27 -4.86
N GLY A 7 6.51 -5.28 -3.76
CA GLY A 7 6.84 -4.45 -2.62
C GLY A 7 5.64 -3.76 -2.03
N CYS A 8 4.49 -3.88 -2.68
CA CYS A 8 3.26 -3.27 -2.22
C CYS A 8 2.53 -4.20 -1.25
N ALA A 9 1.99 -3.63 -0.17
CA ALA A 9 1.26 -4.40 0.82
C ALA A 9 -0.19 -3.94 0.93
N LYS A 10 -1.01 -4.73 1.61
CA LYS A 10 -2.42 -4.39 1.77
C LYS A 10 -2.66 -3.71 3.11
N DBB A 11 -3.67 -2.86 3.15
CA DBB A 11 -3.96 -2.16 4.40
C DBB A 11 -3.04 -0.96 4.65
O DBB A 11 -2.49 -0.42 3.69
CB DBB A 11 -5.44 -1.74 4.38
CG DBB A 11 -5.84 -1.20 5.75
H DBB A 11 -4.22 -2.71 2.36
HA DBB A 11 -3.83 -2.85 5.20
HB2 DBB A 11 -5.99 -2.64 4.24
HG1 DBB A 11 -6.91 -1.15 5.81
HG2 DBB A 11 -5.42 -0.22 5.89
HG3 DBB A 11 -5.45 -1.86 6.52
N CYS A 12 -2.90 -0.50 5.90
CA CYS A 12 -2.09 0.68 6.20
C CYS A 12 -0.62 0.39 5.93
N ALA A 13 -0.19 0.68 4.71
CA ALA A 13 1.20 0.46 4.32
C ALA A 13 1.44 0.88 2.87
N ALA A 14 0.45 0.68 2.04
CA ALA A 14 0.51 1.03 0.63
C ALA A 14 -0.99 1.06 0.08
N SER A 15 -1.62 -0.10 0.02
CA SER A 15 -2.99 -0.21 -0.48
C SER A 15 -3.91 0.78 0.22
N CYS A 16 -3.78 0.85 1.55
CA CYS A 16 -4.60 1.75 2.35
C CYS A 16 -3.73 2.78 3.07
N ALA A 17 -4.34 3.90 3.44
CA ALA A 17 -3.63 4.96 4.15
C ALA A 17 -3.78 4.82 5.66
N ALA A 18 -4.63 3.90 6.07
CA ALA A 18 -4.89 3.62 7.48
C ALA A 18 -5.80 4.81 8.03
N SER A 19 -5.22 6.00 8.10
CA SER A 19 -5.93 7.17 8.62
C SER A 19 -6.97 7.66 7.62
N ALA A 1 2.03 7.78 -2.77
CA ALA A 1 1.90 7.20 -1.44
C ALA A 1 2.52 5.80 -1.41
N CYS A 2 2.34 5.06 -2.49
CA CYS A 2 2.88 3.70 -2.58
C CYS A 2 3.10 3.30 -4.04
N GLY A 3 4.25 2.70 -4.31
CA GLY A 3 4.56 2.27 -5.66
C GLY A 3 3.60 1.23 -6.17
N DBB A 4 2.84 0.62 -5.27
CA DBB A 4 1.89 -0.39 -5.70
C DBB A 4 2.54 -1.53 -6.50
O DBB A 4 1.96 -1.93 -7.51
CB DBB A 4 1.16 -0.92 -4.44
CG DBB A 4 0.02 -1.82 -4.87
H DBB A 4 2.92 0.87 -4.32
HA DBB A 4 1.16 0.08 -6.31
HB2 DBB A 4 0.73 -0.06 -3.98
HG1 DBB A 4 -0.81 -1.21 -5.20
HG2 DBB A 4 -0.30 -2.42 -4.03
HG3 DBB A 4 0.34 -2.46 -5.66
N GLY A 5 3.71 -2.01 -6.11
CA GLY A 5 4.38 -3.05 -6.85
C GLY A 5 3.76 -4.41 -6.65
N ASP A 6 4.47 -5.46 -7.06
CA ASP A 6 3.98 -6.83 -6.92
C ASP A 6 3.57 -7.11 -5.48
N GLY A 7 4.58 -7.31 -4.61
CA GLY A 7 4.30 -7.59 -3.22
C GLY A 7 4.11 -6.32 -2.40
N CYS A 8 3.23 -5.44 -2.88
CA CYS A 8 2.96 -4.20 -2.18
C CYS A 8 2.21 -4.45 -0.87
N ALA A 9 2.47 -3.61 0.12
CA ALA A 9 1.82 -3.74 1.41
C ALA A 9 0.35 -3.35 1.33
N LYS A 10 -0.53 -4.35 1.37
CA LYS A 10 -1.96 -4.11 1.30
C LYS A 10 -2.49 -3.51 2.61
N DBB A 11 -3.60 -2.82 2.54
CA DBB A 11 -4.16 -2.22 3.73
C DBB A 11 -3.35 -1.00 4.24
O DBB A 11 -2.69 -0.36 3.42
CB DBB A 11 -5.63 -1.85 3.46
CG DBB A 11 -6.30 -1.42 4.75
H DBB A 11 -4.06 -2.72 1.67
HA DBB A 11 -4.15 -2.96 4.50
HB2 DBB A 11 -6.10 -2.76 3.15
HG1 DBB A 11 -6.14 -0.36 4.89
HG2 DBB A 11 -5.87 -1.96 5.58
HG3 DBB A 11 -7.35 -1.62 4.70
N CYS A 12 -3.45 -0.67 5.53
CA CYS A 12 -2.76 0.50 6.06
C CYS A 12 -1.24 0.32 5.98
N ALA A 13 -0.67 0.68 4.85
CA ALA A 13 0.77 0.57 4.64
C ALA A 13 1.19 1.19 3.31
N ALA A 14 0.35 1.03 2.31
CA ALA A 14 0.60 1.56 0.98
C ALA A 14 -0.78 1.50 0.18
N SER A 15 -1.20 0.29 -0.16
CA SER A 15 -2.43 0.09 -0.92
C SER A 15 -3.56 0.95 -0.37
N CYS A 16 -3.66 1.00 0.96
CA CYS A 16 -4.69 1.79 1.62
C CYS A 16 -4.07 2.93 2.42
N ALA A 17 -4.69 4.10 2.35
CA ALA A 17 -4.21 5.27 3.07
C ALA A 17 -4.11 5.00 4.57
N ALA A 18 -4.84 3.99 5.02
CA ALA A 18 -4.86 3.59 6.42
C ALA A 18 -5.75 4.65 7.21
N SER A 19 -5.30 5.90 7.22
CA SER A 19 -6.01 6.96 7.92
C SER A 19 -7.17 7.50 7.09
N ALA A 1 2.39 6.63 0.02
CA ALA A 1 2.99 6.28 -1.26
C ALA A 1 3.41 4.81 -1.28
N CYS A 2 2.78 4.03 -2.15
CA CYS A 2 3.09 2.61 -2.27
C CYS A 2 3.26 2.21 -3.74
N GLY A 3 2.38 2.74 -4.59
CA GLY A 3 2.46 2.42 -6.01
C GLY A 3 1.68 1.17 -6.37
N DBB A 4 1.29 0.42 -5.36
CA DBB A 4 0.55 -0.81 -5.62
C DBB A 4 1.25 -1.75 -6.63
O DBB A 4 0.60 -2.15 -7.60
CB DBB A 4 0.28 -1.52 -4.28
CG DBB A 4 -0.68 -2.67 -4.50
H DBB A 4 1.50 0.68 -4.44
HA DBB A 4 -0.40 -0.52 -6.04
HB2 DBB A 4 -0.24 -0.79 -3.68
HG1 DBB A 4 -1.64 -2.28 -4.83
HG2 DBB A 4 -0.82 -3.21 -3.57
HG3 DBB A 4 -0.28 -3.33 -5.25
N GLY A 5 2.53 -2.03 -6.44
CA GLY A 5 3.25 -2.87 -7.39
C GLY A 5 3.44 -4.28 -6.88
N ASP A 6 4.59 -4.87 -7.17
CA ASP A 6 4.90 -6.23 -6.74
C ASP A 6 5.16 -6.28 -5.24
N GLY A 7 4.67 -7.33 -4.59
CA GLY A 7 4.86 -7.48 -3.16
C GLY A 7 4.45 -6.24 -2.39
N CYS A 8 3.51 -5.48 -2.95
CA CYS A 8 3.03 -4.26 -2.31
C CYS A 8 2.38 -4.57 -0.97
N ALA A 9 2.53 -3.66 -0.01
CA ALA A 9 1.96 -3.84 1.32
C ALA A 9 0.43 -3.76 1.26
N LYS A 10 -0.22 -4.41 2.22
CA LYS A 10 -1.69 -4.41 2.27
C LYS A 10 -2.18 -3.58 3.45
N DBB A 11 -3.13 -2.71 3.20
CA DBB A 11 -3.65 -1.88 4.27
C DBB A 11 -2.88 -0.55 4.46
O DBB A 11 -2.38 -0.02 3.47
CB DBB A 11 -5.15 -1.63 4.01
CG DBB A 11 -5.77 -0.96 5.22
H DBB A 11 -3.48 -2.62 2.29
HA DBB A 11 -3.57 -2.43 5.18
HB2 DBB A 11 -5.59 -2.60 3.93
HG1 DBB A 11 -5.53 -1.53 6.11
HG2 DBB A 11 -6.84 -0.90 5.10
HG3 DBB A 11 -5.37 0.04 5.32
N CYS A 12 -2.82 -0.02 5.67
CA CYS A 12 -2.16 1.26 5.92
C CYS A 12 -0.69 1.20 5.50
N ALA A 13 -0.17 -0.02 5.38
CA ALA A 13 1.22 -0.22 4.99
C ALA A 13 1.46 0.28 3.57
N ALA A 14 0.47 0.14 2.72
CA ALA A 14 0.55 0.57 1.33
C ALA A 14 -0.83 0.15 0.64
N SER A 15 -1.08 0.72 -0.55
CA SER A 15 -2.31 0.44 -1.28
C SER A 15 -3.49 1.20 -0.67
N CYS A 16 -3.70 1.01 0.63
CA CYS A 16 -4.80 1.68 1.33
C CYS A 16 -4.35 3.05 1.85
N ALA A 17 -5.31 3.84 2.30
CA ALA A 17 -5.02 5.17 2.83
C ALA A 17 -4.71 5.11 4.33
N ALA A 18 -4.98 3.97 4.93
CA ALA A 18 -4.74 3.76 6.35
C ALA A 18 -5.86 4.55 7.16
N SER A 19 -5.79 5.88 7.09
CA SER A 19 -6.74 6.72 7.81
C SER A 19 -7.96 7.03 6.95
N ALA A 1 4.63 7.11 -1.86
CA ALA A 1 3.44 6.26 -1.79
C ALA A 1 3.80 4.79 -1.99
N CYS A 2 2.79 3.94 -1.94
CA CYS A 2 3.00 2.50 -2.11
C CYS A 2 3.33 2.17 -3.56
N GLY A 3 2.57 2.74 -4.48
CA GLY A 3 2.80 2.49 -5.89
C GLY A 3 2.08 1.25 -6.38
N DBB A 4 1.55 0.47 -5.46
CA DBB A 4 0.85 -0.74 -5.86
C DBB A 4 1.68 -1.65 -6.79
O DBB A 4 1.13 -2.13 -7.78
CB DBB A 4 0.40 -1.48 -4.59
CG DBB A 4 -0.52 -2.63 -4.96
H DBB A 4 1.64 0.71 -4.51
HA DBB A 4 -0.03 -0.44 -6.39
HB2 DBB A 4 -0.19 -0.77 -4.04
HG1 DBB A 4 -1.36 -2.64 -4.29
HG2 DBB A 4 0.01 -3.56 -4.89
HG3 DBB A 4 -0.87 -2.48 -5.98
N GLY A 5 2.96 -1.84 -6.50
CA GLY A 5 3.79 -2.65 -7.38
C GLY A 5 3.90 -4.09 -6.90
N ASP A 6 5.06 -4.70 -7.11
CA ASP A 6 5.28 -6.08 -6.71
C ASP A 6 5.43 -6.20 -5.19
N GLY A 7 4.82 -7.22 -4.62
CA GLY A 7 4.89 -7.42 -3.18
C GLY A 7 4.40 -6.22 -2.41
N CYS A 8 3.58 -5.40 -3.05
CA CYS A 8 3.03 -4.21 -2.42
C CYS A 8 2.31 -4.56 -1.11
N ALA A 9 2.56 -3.78 -0.07
CA ALA A 9 1.94 -4.01 1.22
C ALA A 9 0.42 -3.86 1.14
N LYS A 10 -0.28 -4.30 2.19
CA LYS A 10 -1.73 -4.21 2.23
C LYS A 10 -2.19 -3.38 3.42
N DBB A 11 -3.31 -2.71 3.26
CA DBB A 11 -3.81 -1.89 4.36
C DBB A 11 -3.00 -0.60 4.57
O DBB A 11 -2.51 -0.04 3.61
CB DBB A 11 -5.30 -1.58 4.09
CG DBB A 11 -5.91 -0.92 5.31
H DBB A 11 -3.81 -2.76 2.41
HA DBB A 11 -3.76 -2.48 5.25
HB2 DBB A 11 -5.77 -2.54 3.98
HG1 DBB A 11 -5.59 0.11 5.34
HG2 DBB A 11 -5.58 -1.42 6.20
HG3 DBB A 11 -6.99 -0.97 5.25
N CYS A 12 -2.91 -0.12 5.82
CA CYS A 12 -2.20 1.13 6.10
C CYS A 12 -0.75 1.04 5.65
N ALA A 13 -0.26 -0.18 5.47
CA ALA A 13 1.12 -0.40 5.03
C ALA A 13 1.35 0.17 3.63
N ALA A 14 0.33 0.10 2.80
CA ALA A 14 0.38 0.59 1.44
C ALA A 14 -1.00 0.22 0.73
N SER A 15 -1.26 0.83 -0.41
CA SER A 15 -2.51 0.60 -1.14
C SER A 15 -3.67 1.34 -0.49
N CYS A 16 -3.82 1.17 0.82
CA CYS A 16 -4.89 1.83 1.56
C CYS A 16 -4.41 3.16 2.14
N ALA A 17 -5.34 3.94 2.67
CA ALA A 17 -5.02 5.23 3.25
C ALA A 17 -4.69 5.10 4.74
N ALA A 18 -4.96 3.93 5.29
CA ALA A 18 -4.70 3.63 6.69
C ALA A 18 -5.80 4.40 7.55
N SER A 19 -5.72 5.72 7.56
CA SER A 19 -6.65 6.54 8.33
C SER A 19 -8.07 6.41 7.78
N ALA A 1 6.13 6.36 -1.94
CA ALA A 1 4.81 5.72 -2.00
C ALA A 1 4.94 4.29 -2.51
N CYS A 2 3.87 3.51 -2.33
CA CYS A 2 3.85 2.13 -2.77
C CYS A 2 3.79 2.04 -4.30
N GLY A 3 4.61 1.16 -4.87
CA GLY A 3 4.64 1.00 -6.31
C GLY A 3 3.38 0.35 -6.84
N DBB A 4 2.54 -0.13 -5.94
CA DBB A 4 1.32 -0.78 -6.39
C DBB A 4 1.55 -2.09 -7.17
O DBB A 4 0.71 -2.41 -8.00
CB DBB A 4 0.43 -1.02 -5.15
CG DBB A 4 -0.96 -1.49 -5.60
H DBB A 4 2.75 -0.06 -4.98
HA DBB A 4 0.80 -0.10 -7.02
HB2 DBB A 4 0.30 -0.06 -4.69
HG1 DBB A 4 -1.70 -0.87 -5.12
HG2 DBB A 4 -1.10 -2.52 -5.30
HG3 DBB A 4 -1.04 -1.40 -6.66
N GLY A 5 2.67 -2.76 -6.96
CA GLY A 5 2.97 -3.95 -7.72
C GLY A 5 4.00 -4.84 -7.04
N ASP A 6 5.14 -5.01 -7.69
CA ASP A 6 6.22 -5.84 -7.14
C ASP A 6 6.80 -5.19 -5.89
N GLY A 7 6.22 -5.54 -4.74
CA GLY A 7 6.70 -5.00 -3.48
C GLY A 7 5.61 -4.25 -2.72
N CYS A 8 4.52 -3.94 -3.42
CA CYS A 8 3.41 -3.23 -2.81
C CYS A 8 2.62 -4.13 -1.87
N ALA A 9 2.18 -3.58 -0.75
CA ALA A 9 1.41 -4.34 0.23
C ALA A 9 -0.07 -3.95 0.19
N LYS A 10 -0.82 -4.43 1.17
CA LYS A 10 -2.24 -4.14 1.25
C LYS A 10 -2.61 -3.57 2.61
N DBB A 11 -3.71 -2.84 2.68
CA DBB A 11 -4.11 -2.25 3.94
C DBB A 11 -3.37 -0.95 4.28
O DBB A 11 -2.87 -0.30 3.36
CB DBB A 11 -5.64 -2.05 3.91
CG DBB A 11 -6.12 -1.65 5.30
H DBB A 11 -4.24 -2.70 1.86
HA DBB A 11 -3.90 -2.97 4.70
HB2 DBB A 11 -6.05 -3.02 3.70
HG1 DBB A 11 -5.71 -2.32 6.02
HG2 DBB A 11 -7.20 -1.70 5.33
HG3 DBB A 11 -5.81 -0.64 5.51
N CYS A 12 -3.35 -0.55 5.54
CA CYS A 12 -2.71 0.71 5.94
C CYS A 12 -1.19 0.59 5.87
N ALA A 13 -0.64 0.87 4.69
CA ALA A 13 0.80 0.79 4.50
C ALA A 13 1.19 1.18 3.06
N ALA A 14 0.33 0.83 2.13
CA ALA A 14 0.53 1.12 0.72
C ALA A 14 -0.91 1.24 0.04
N SER A 15 -1.58 0.11 -0.10
CA SER A 15 -2.90 0.07 -0.73
C SER A 15 -3.86 1.04 -0.04
N CYS A 16 -4.23 0.69 1.20
CA CYS A 16 -5.15 1.53 1.97
C CYS A 16 -4.38 2.61 2.73
N ALA A 17 -5.09 3.68 3.08
CA ALA A 17 -4.48 4.79 3.81
C ALA A 17 -4.72 4.65 5.31
N ALA A 18 -5.57 3.70 5.68
CA ALA A 18 -5.92 3.45 7.06
C ALA A 18 -6.90 4.61 7.55
N SER A 19 -6.37 5.83 7.61
CA SER A 19 -7.15 6.98 8.06
C SER A 19 -7.66 7.79 6.88
N ALA A 1 5.84 5.32 -0.73
CA ALA A 1 5.52 4.81 -2.04
C ALA A 1 5.58 3.28 -2.07
N CYS A 2 4.43 2.65 -1.87
CA CYS A 2 4.34 1.19 -1.87
C CYS A 2 4.47 0.64 -3.29
N GLY A 3 4.03 1.43 -4.26
CA GLY A 3 4.11 1.00 -5.65
C GLY A 3 2.80 0.43 -6.15
N DBB A 4 2.11 -0.31 -5.30
CA DBB A 4 0.84 -0.89 -5.72
C DBB A 4 0.92 -1.62 -7.07
O DBB A 4 0.11 -1.33 -7.94
CB DBB A 4 0.34 -1.81 -4.59
CG DBB A 4 -1.08 -2.26 -4.90
H DBB A 4 2.46 -0.48 -4.40
HA DBB A 4 0.14 -0.09 -5.82
HB2 DBB A 4 0.29 -1.19 -3.72
HG1 DBB A 4 -1.74 -1.40 -4.82
HG2 DBB A 4 -1.38 -3.01 -4.18
HG3 DBB A 4 -1.12 -2.65 -5.89
N GLY A 5 1.87 -2.53 -7.24
CA GLY A 5 2.03 -3.22 -8.51
C GLY A 5 2.98 -4.40 -8.43
N ASP A 6 4.03 -4.26 -7.62
CA ASP A 6 5.01 -5.32 -7.47
C ASP A 6 5.76 -5.16 -6.14
N GLY A 7 5.36 -5.96 -5.14
CA GLY A 7 5.99 -5.90 -3.85
C GLY A 7 5.49 -4.73 -3.01
N CYS A 8 4.18 -4.56 -2.96
CA CYS A 8 3.57 -3.48 -2.20
C CYS A 8 2.74 -4.03 -1.03
N ALA A 9 2.46 -3.17 -0.06
CA ALA A 9 1.68 -3.57 1.10
C ALA A 9 0.20 -3.29 0.89
N LYS A 10 -0.64 -3.90 1.72
CA LYS A 10 -2.08 -3.72 1.63
C LYS A 10 -2.63 -3.03 2.87
N DBB A 11 -3.84 -2.51 2.77
CA DBB A 11 -4.42 -1.84 3.92
C DBB A 11 -3.71 -0.53 4.31
O DBB A 11 -3.23 0.15 3.41
CB DBB A 11 -5.92 -1.61 3.64
CG DBB A 11 -6.61 -1.12 4.90
H DBB A 11 -4.33 -2.56 1.92
HA DBB A 11 -4.36 -2.51 4.76
HB2 DBB A 11 -6.32 -2.57 3.41
HG1 DBB A 11 -6.28 -1.71 5.74
HG2 DBB A 11 -7.68 -1.22 4.79
HG3 DBB A 11 -6.36 -0.08 5.07
N CYS A 12 -3.69 -0.17 5.60
CA CYS A 12 -3.08 1.08 6.02
C CYS A 12 -1.58 1.08 5.75
N ALA A 13 -1.04 -0.10 5.43
CA ALA A 13 0.39 -0.23 5.13
C ALA A 13 0.72 0.34 3.76
N ALA A 14 -0.25 0.30 2.86
CA ALA A 14 -0.10 0.80 1.51
C ALA A 14 -1.45 0.47 0.73
N SER A 15 -1.65 1.16 -0.39
CA SER A 15 -2.86 0.99 -1.19
C SER A 15 -4.04 1.72 -0.56
N CYS A 16 -4.36 1.36 0.68
CA CYS A 16 -5.47 1.99 1.39
C CYS A 16 -5.00 3.26 2.09
N ALA A 17 -5.95 4.16 2.35
CA ALA A 17 -5.65 5.42 3.02
C ALA A 17 -5.35 5.20 4.50
N ALA A 18 -5.79 4.06 5.02
CA ALA A 18 -5.59 3.70 6.41
C ALA A 18 -6.60 4.56 7.28
N SER A 19 -6.44 5.88 7.24
CA SER A 19 -7.30 6.78 8.01
C SER A 19 -8.22 7.58 7.09
N ALA A 1 1.54 6.61 -3.93
CA ALA A 1 0.58 5.56 -3.67
C ALA A 1 1.28 4.25 -3.31
N CYS A 2 2.47 4.36 -2.72
CA CYS A 2 3.25 3.20 -2.34
C CYS A 2 3.72 2.42 -3.56
N GLY A 3 3.54 3.02 -4.74
CA GLY A 3 3.96 2.37 -5.97
C GLY A 3 3.00 1.29 -6.40
N DBB A 4 2.67 0.39 -5.49
CA DBB A 4 1.76 -0.68 -5.84
C DBB A 4 2.28 -1.60 -6.97
O DBB A 4 1.59 -1.75 -7.97
CB DBB A 4 1.44 -1.49 -4.56
CG DBB A 4 0.33 -2.48 -4.85
H DBB A 4 3.04 0.45 -4.58
HA DBB A 4 0.84 -0.24 -6.18
HB2 DBB A 4 1.06 -0.78 -3.87
HG1 DBB A 4 -0.39 -2.43 -4.04
HG2 DBB A 4 0.74 -3.48 -4.91
HG3 DBB A 4 -0.16 -2.23 -5.78
N GLY A 5 3.49 -2.14 -6.84
CA GLY A 5 4.05 -2.96 -7.89
C GLY A 5 4.37 -4.37 -7.42
N ASP A 6 5.66 -4.70 -7.36
CA ASP A 6 6.09 -6.02 -6.93
C ASP A 6 6.31 -6.05 -5.42
N GLY A 7 5.86 -7.12 -4.78
CA GLY A 7 6.01 -7.26 -3.35
C GLY A 7 5.42 -6.08 -2.59
N CYS A 8 4.21 -5.69 -2.96
CA CYS A 8 3.54 -4.58 -2.30
C CYS A 8 2.60 -5.07 -1.21
N ALA A 9 2.21 -4.17 -0.31
CA ALA A 9 1.31 -4.50 0.78
C ALA A 9 -0.12 -4.07 0.48
N LYS A 10 -0.97 -4.12 1.49
CA LYS A 10 -2.37 -3.72 1.34
C LYS A 10 -2.92 -3.13 2.64
N DBB A 11 -4.03 -2.44 2.54
CA DBB A 11 -4.60 -1.84 3.73
C DBB A 11 -3.71 -0.76 4.37
O DBB A 11 -3.02 -0.05 3.63
CB DBB A 11 -6.00 -1.28 3.37
CG DBB A 11 -6.72 -0.85 4.64
H DBB A 11 -4.46 -2.32 1.66
HA DBB A 11 -4.75 -2.62 4.45
HB2 DBB A 11 -6.54 -2.12 2.97
HG1 DBB A 11 -6.52 -1.57 5.42
HG2 DBB A 11 -7.78 -0.81 4.45
HG3 DBB A 11 -6.36 0.11 4.95
N CYS A 12 -3.77 -0.59 5.69
CA CYS A 12 -3.00 0.46 6.36
C CYS A 12 -1.51 0.11 6.37
N ALA A 13 -0.87 0.26 5.22
CA ALA A 13 0.55 -0.04 5.09
C ALA A 13 1.16 0.67 3.88
N ALA A 14 0.41 0.74 2.81
CA ALA A 14 0.82 1.38 1.58
C ALA A 14 -0.47 1.60 0.68
N SER A 15 -1.05 0.51 0.22
CA SER A 15 -2.22 0.57 -0.65
C SER A 15 -3.26 1.55 -0.09
N CYS A 16 -3.54 1.43 1.20
CA CYS A 16 -4.50 2.31 1.86
C CYS A 16 -3.79 3.29 2.78
N ALA A 17 -4.29 4.53 2.82
CA ALA A 17 -3.71 5.56 3.66
C ALA A 17 -3.77 5.18 5.14
N ALA A 18 -4.63 4.21 5.45
CA ALA A 18 -4.81 3.72 6.80
C ALA A 18 -5.67 4.79 7.59
N SER A 19 -5.12 5.99 7.75
CA SER A 19 -5.80 7.06 8.48
C SER A 19 -6.07 8.25 7.56
#